data_6K0H
#
_entry.id   6K0H
#
_cell.length_a   69.450
_cell.length_b   69.450
_cell.length_c   321.986
_cell.angle_alpha   90.000
_cell.angle_beta   90.000
_cell.angle_gamma   120.000
#
_symmetry.space_group_name_H-M   'P 65 2 2'
#
loop_
_entity.id
_entity.type
_entity.pdbx_description
1 polymer 'UDP-glucose 4-epimerase'
2 non-polymer DI(HYDROXYETHYL)ETHER
3 non-polymer NICOTINAMIDE-ADENINE-DINUCLEOTIDE
4 non-polymer URIDINE-DIPHOSPHATE-N-ACETYLGLUCOSAMINE
5 non-polymer 'MAGNESIUM ION'
6 water water
#
_entity_poly.entity_id   1
_entity_poly.type   'polypeptide(L)'
_entity_poly.pdbx_seq_one_letter_code
;MTTVLVTGGAGFIATHTDIELLNKGYDVISVDNYGNSSPVALERVEQITGKPVKRYDGDVRDEALMERVFAENNIDWVIH
FAGLKAVGESVAKPIEYYDNNLYSTLVLLKVMKKHNVKKIIFSSSATVYGTPKELPITEETPTGGTTNPYGTSKLFQEQI
LRDVHVADPSWTIVLLRYFNPVGAHESGLLGEDPKGIPANLTPYVAKVAVGELKEVQVYGDDYDTPDGTGVRDYIHVVDL
AKGHVAVIDHIDKEGVFVYNLGTGHGYSVLEVIKAYEKAAGHPIPYAIKPRRPGDIAACYADASKAEKELGWKAELTIDD
MAASSLNWQTKNPNGFRDAELEHHHHHH
;
_entity_poly.pdbx_strand_id   A
#
# COMPACT_ATOMS: atom_id res chain seq x y z
N THR A 2 -12.37 -13.06 -14.97
CA THR A 2 -11.79 -11.69 -14.88
C THR A 2 -10.31 -11.88 -14.57
N THR A 3 -9.47 -11.22 -15.36
CA THR A 3 -8.06 -11.26 -15.23
C THR A 3 -7.59 -9.88 -14.77
N VAL A 4 -6.75 -9.89 -13.72
CA VAL A 4 -6.25 -8.69 -13.05
C VAL A 4 -4.73 -8.67 -13.18
N LEU A 5 -4.20 -7.64 -13.84
CA LEU A 5 -2.76 -7.38 -13.81
C LEU A 5 -2.47 -6.56 -12.55
N VAL A 6 -1.53 -7.05 -11.73
CA VAL A 6 -1.13 -6.39 -10.51
C VAL A 6 0.31 -5.94 -10.72
N THR A 7 0.51 -4.63 -10.91
CA THR A 7 1.92 -4.12 -11.03
C THR A 7 2.47 -4.02 -9.61
N GLY A 8 3.78 -4.14 -9.47
CA GLY A 8 4.36 -4.26 -8.14
C GLY A 8 3.82 -5.49 -7.42
N GLY A 9 3.63 -6.57 -8.19
CA GLY A 9 2.81 -7.70 -7.80
C GLY A 9 3.41 -8.58 -6.72
N ALA A 10 4.70 -8.41 -6.43
CA ALA A 10 5.35 -9.20 -5.38
C ALA A 10 5.57 -8.39 -4.09
N GLY A 11 5.09 -7.13 -4.02
CA GLY A 11 5.22 -6.30 -2.84
C GLY A 11 4.27 -6.67 -1.72
N PHE A 12 4.32 -5.86 -0.65
CA PHE A 12 3.63 -6.10 0.61
C PHE A 12 2.11 -6.17 0.39
N ILE A 13 1.53 -5.06 -0.07
CA ILE A 13 0.10 -4.98 -0.21
C ILE A 13 -0.34 -5.85 -1.39
N ALA A 14 0.47 -5.90 -2.46
CA ALA A 14 0.08 -6.61 -3.64
C ALA A 14 -0.07 -8.11 -3.31
N THR A 15 0.85 -8.69 -2.54
CA THR A 15 0.84 -10.17 -2.32
C THR A 15 -0.38 -10.56 -1.48
N HIS A 16 -0.76 -9.71 -0.52
CA HIS A 16 -1.98 -9.92 0.25
C HIS A 16 -3.21 -9.76 -0.66
N THR A 17 -3.12 -8.85 -1.63
CA THR A 17 -4.23 -8.61 -2.55
C THR A 17 -4.37 -9.80 -3.50
N ASP A 18 -3.24 -10.26 -4.03
CA ASP A 18 -3.14 -11.46 -4.87
C ASP A 18 -3.93 -12.61 -4.22
N ILE A 19 -3.69 -12.86 -2.94
CA ILE A 19 -4.36 -13.93 -2.20
C ILE A 19 -5.87 -13.73 -2.22
N GLU A 20 -6.31 -12.51 -1.89
CA GLU A 20 -7.72 -12.26 -1.75
C GLU A 20 -8.40 -12.33 -3.12
N LEU A 21 -7.71 -11.91 -4.20
CA LEU A 21 -8.26 -11.97 -5.53
C LEU A 21 -8.36 -13.45 -5.94
N LEU A 22 -7.27 -14.18 -5.77
CA LEU A 22 -7.22 -15.59 -6.14
C LEU A 22 -8.31 -16.41 -5.40
N ASN A 23 -8.52 -16.14 -4.11
CA ASN A 23 -9.49 -16.84 -3.28
C ASN A 23 -10.91 -16.53 -3.75
N LYS A 24 -11.12 -15.48 -4.53
CA LYS A 24 -12.45 -15.18 -5.00
C LYS A 24 -12.62 -15.59 -6.46
N GLY A 25 -11.65 -16.28 -7.05
CA GLY A 25 -11.76 -16.84 -8.35
C GLY A 25 -11.30 -15.92 -9.46
N TYR A 26 -10.64 -14.79 -9.16
CA TYR A 26 -10.00 -13.94 -10.19
C TYR A 26 -8.66 -14.59 -10.61
N ASP A 27 -8.23 -14.34 -11.85
CA ASP A 27 -6.90 -14.71 -12.33
C ASP A 27 -5.98 -13.51 -12.11
N VAL A 28 -4.70 -13.80 -11.76
CA VAL A 28 -3.73 -12.78 -11.36
C VAL A 28 -2.42 -12.95 -12.13
N ILE A 29 -1.95 -11.83 -12.69
CA ILE A 29 -0.64 -11.66 -13.30
C ILE A 29 0.13 -10.62 -12.48
N SER A 30 1.41 -10.92 -12.19
CA SER A 30 2.30 -9.99 -11.48
C SER A 30 3.36 -9.46 -12.44
N VAL A 31 3.66 -8.17 -12.33
CA VAL A 31 4.91 -7.63 -12.91
C VAL A 31 5.65 -6.90 -11.77
N ASP A 32 6.94 -7.22 -11.59
CA ASP A 32 7.71 -6.64 -10.48
C ASP A 32 9.20 -6.68 -10.84
N ASN A 33 9.94 -5.67 -10.38
CA ASN A 33 11.40 -5.56 -10.65
C ASN A 33 12.19 -6.00 -9.41
N TYR A 34 11.50 -6.33 -8.31
CA TYR A 34 12.07 -6.81 -7.06
C TYR A 34 12.98 -5.76 -6.40
N GLY A 35 12.75 -4.47 -6.69
CA GLY A 35 13.44 -3.42 -5.96
C GLY A 35 13.17 -3.49 -4.47
N ASN A 36 11.97 -3.89 -4.03
CA ASN A 36 11.66 -3.88 -2.62
C ASN A 36 10.90 -5.13 -2.21
N SER A 37 11.16 -6.24 -2.90
CA SER A 37 10.45 -7.48 -2.65
C SER A 37 11.25 -8.67 -3.19
N SER A 38 10.78 -9.88 -2.85
CA SER A 38 11.37 -11.13 -3.35
C SER A 38 10.39 -11.89 -4.24
N PRO A 39 10.84 -12.52 -5.34
CA PRO A 39 10.06 -13.46 -6.13
C PRO A 39 9.49 -14.62 -5.31
N VAL A 40 10.12 -14.91 -4.17
CA VAL A 40 9.69 -15.98 -3.33
C VAL A 40 8.31 -15.65 -2.76
N ALA A 41 8.00 -14.35 -2.57
CA ALA A 41 6.69 -13.97 -2.04
C ALA A 41 5.58 -14.54 -2.94
N LEU A 42 5.80 -14.61 -4.26
CA LEU A 42 4.77 -15.14 -5.18
C LEU A 42 4.59 -16.67 -5.00
N GLU A 43 5.66 -17.39 -4.64
CA GLU A 43 5.54 -18.85 -4.35
C GLU A 43 4.63 -19.02 -3.13
N ARG A 44 4.73 -18.10 -2.17
CA ARG A 44 3.98 -18.21 -0.95
C ARG A 44 2.52 -17.88 -1.22
N VAL A 45 2.25 -16.91 -2.11
CA VAL A 45 0.89 -16.64 -2.57
C VAL A 45 0.26 -17.93 -3.13
N GLU A 46 1.00 -18.60 -4.01
CA GLU A 46 0.56 -19.80 -4.67
C GLU A 46 0.31 -20.92 -3.65
N GLN A 47 1.20 -21.01 -2.65
CA GLN A 47 1.13 -22.02 -1.59
C GLN A 47 -0.10 -21.78 -0.70
N ILE A 48 -0.39 -20.52 -0.34
CA ILE A 48 -1.51 -20.22 0.51
C ILE A 48 -2.86 -20.49 -0.18
N THR A 49 -2.94 -20.17 -1.47
CA THR A 49 -4.20 -20.15 -2.21
C THR A 49 -4.43 -21.45 -2.98
N GLY A 50 -3.36 -22.14 -3.32
CA GLY A 50 -3.40 -23.27 -4.24
C GLY A 50 -3.64 -22.82 -5.68
N LYS A 51 -3.30 -21.58 -6.02
CA LYS A 51 -3.67 -20.97 -7.32
C LYS A 51 -2.44 -20.35 -7.94
N PRO A 52 -2.42 -20.20 -9.28
CA PRO A 52 -1.27 -19.65 -9.97
C PRO A 52 -1.22 -18.11 -9.94
N VAL A 53 -0.01 -17.59 -9.96
CA VAL A 53 0.27 -16.22 -10.33
C VAL A 53 1.21 -16.25 -11.53
N LYS A 54 0.78 -15.66 -12.65
CA LYS A 54 1.64 -15.56 -13.79
C LYS A 54 2.64 -14.44 -13.48
N ARG A 55 3.93 -14.77 -13.60
CA ARG A 55 4.99 -13.98 -13.10
C ARG A 55 5.74 -13.35 -14.27
N TYR A 56 5.82 -12.01 -14.32
CA TYR A 56 6.78 -11.32 -15.18
C TYR A 56 7.75 -10.52 -14.33
N ASP A 57 9.02 -10.52 -14.77
CA ASP A 57 10.15 -9.96 -14.11
C ASP A 57 10.61 -8.75 -14.92
N GLY A 58 10.42 -7.56 -14.37
CA GLY A 58 10.94 -6.34 -15.04
C GLY A 58 10.25 -5.10 -14.54
N ASP A 59 10.57 -4.00 -15.23
CA ASP A 59 10.19 -2.66 -14.87
C ASP A 59 8.92 -2.26 -15.64
N VAL A 60 7.96 -1.67 -14.92
CA VAL A 60 6.73 -1.17 -15.51
C VAL A 60 7.03 -0.03 -16.50
N ARG A 61 8.18 0.66 -16.34
CA ARG A 61 8.61 1.70 -17.30
C ARG A 61 9.18 1.09 -18.59
N ASP A 62 9.35 -0.23 -18.66
CA ASP A 62 9.80 -0.92 -19.89
C ASP A 62 8.59 -1.20 -20.80
N GLU A 63 8.43 -0.35 -21.82
CA GLU A 63 7.26 -0.38 -22.72
C GLU A 63 7.22 -1.70 -23.49
N ALA A 64 8.38 -2.25 -23.84
CA ALA A 64 8.38 -3.46 -24.63
C ALA A 64 7.85 -4.61 -23.76
N LEU A 65 8.31 -4.68 -22.49
CA LEU A 65 7.83 -5.67 -21.52
C LEU A 65 6.31 -5.54 -21.34
N MET A 66 5.83 -4.31 -21.11
CA MET A 66 4.41 -4.09 -20.79
C MET A 66 3.58 -4.41 -22.04
N GLU A 67 4.12 -4.09 -23.22
CA GLU A 67 3.46 -4.51 -24.48
C GLU A 67 3.35 -6.05 -24.56
N ARG A 68 4.39 -6.77 -24.15
CA ARG A 68 4.38 -8.26 -24.13
C ARG A 68 3.32 -8.77 -23.13
N VAL A 69 3.25 -8.14 -21.97
CA VAL A 69 2.30 -8.60 -20.97
C VAL A 69 0.89 -8.49 -21.52
N PHE A 70 0.57 -7.33 -22.13
CA PHE A 70 -0.77 -7.07 -22.66
C PHE A 70 -1.05 -7.92 -23.92
N ALA A 71 -0.02 -8.18 -24.73
CA ALA A 71 -0.18 -9.03 -25.95
C ALA A 71 -0.41 -10.50 -25.57
N GLU A 72 0.17 -10.98 -24.46
CA GLU A 72 0.17 -12.41 -24.11
C GLU A 72 -1.03 -12.79 -23.22
N ASN A 73 -1.79 -11.81 -22.71
CA ASN A 73 -2.85 -12.07 -21.74
C ASN A 73 -4.06 -11.21 -22.06
N ASN A 74 -5.25 -11.68 -21.66
CA ASN A 74 -6.43 -10.91 -21.82
C ASN A 74 -6.81 -10.22 -20.49
N ILE A 75 -6.42 -8.96 -20.34
CA ILE A 75 -6.48 -8.32 -19.02
C ILE A 75 -7.76 -7.48 -18.95
N ASP A 76 -8.52 -7.64 -17.86
CA ASP A 76 -9.76 -6.93 -17.60
C ASP A 76 -9.53 -5.72 -16.68
N TRP A 77 -8.76 -5.91 -15.61
CA TRP A 77 -8.48 -4.89 -14.64
C TRP A 77 -6.97 -4.78 -14.42
N VAL A 78 -6.52 -3.58 -14.06
CA VAL A 78 -5.17 -3.40 -13.60
C VAL A 78 -5.24 -2.82 -12.18
N ILE A 79 -4.40 -3.36 -11.29
CA ILE A 79 -4.11 -2.71 -9.98
C ILE A 79 -2.64 -2.28 -10.00
N HIS A 80 -2.42 -0.97 -9.90
CA HIS A 80 -1.10 -0.36 -10.05
C HIS A 80 -0.48 -0.06 -8.68
N PHE A 81 0.27 -1.03 -8.15
CA PHE A 81 0.99 -0.88 -6.90
C PHE A 81 2.45 -0.44 -7.13
N ALA A 82 2.97 -0.59 -8.35
CA ALA A 82 4.40 -0.34 -8.54
C ALA A 82 4.68 1.14 -8.26
N GLY A 83 5.60 1.34 -7.31
CA GLY A 83 6.09 2.64 -6.89
C GLY A 83 7.09 2.51 -5.75
N LEU A 84 7.80 3.62 -5.54
CA LEU A 84 8.65 3.86 -4.42
C LEU A 84 7.81 4.68 -3.42
N LYS A 85 7.97 4.37 -2.13
CA LYS A 85 6.95 4.77 -1.17
C LYS A 85 7.47 5.32 0.17
N ALA A 86 8.76 5.62 0.34
CA ALA A 86 9.23 6.12 1.62
C ALA A 86 9.23 7.65 1.63
N VAL A 87 8.42 8.23 2.52
CA VAL A 87 8.26 9.69 2.60
C VAL A 87 9.60 10.42 2.76
N GLY A 88 10.39 10.00 3.76
CA GLY A 88 11.62 10.62 4.11
C GLY A 88 12.64 10.52 2.99
N GLU A 89 12.83 9.29 2.48
CA GLU A 89 13.70 9.07 1.32
C GLU A 89 13.31 9.96 0.12
N SER A 90 12.00 10.16 -0.12
CA SER A 90 11.52 10.90 -1.30
C SER A 90 12.05 12.34 -1.25
N VAL A 91 12.20 12.88 -0.02
CA VAL A 91 12.68 14.28 0.13
C VAL A 91 14.13 14.38 -0.36
N ALA A 92 14.91 13.32 -0.16
CA ALA A 92 16.32 13.33 -0.50
C ALA A 92 16.56 12.85 -1.94
N LYS A 93 15.60 12.10 -2.51
CA LYS A 93 15.75 11.55 -3.85
C LYS A 93 14.54 11.86 -4.72
N PRO A 94 14.19 13.15 -4.91
CA PRO A 94 12.93 13.49 -5.61
C PRO A 94 12.85 12.93 -7.04
N ILE A 95 13.94 13.02 -7.80
CA ILE A 95 13.92 12.63 -9.19
C ILE A 95 13.75 11.11 -9.31
N GLU A 96 14.38 10.34 -8.44
CA GLU A 96 14.22 8.90 -8.43
C GLU A 96 12.74 8.56 -8.21
N TYR A 97 12.07 9.30 -7.32
CA TYR A 97 10.68 9.10 -6.98
C TYR A 97 9.77 9.49 -8.18
N TYR A 98 10.00 10.66 -8.76
CA TYR A 98 9.15 11.18 -9.79
C TYR A 98 9.34 10.34 -11.06
N ASP A 99 10.58 9.93 -11.34
CA ASP A 99 10.82 9.07 -12.49
C ASP A 99 10.08 7.75 -12.30
N ASN A 100 10.45 7.04 -11.25
CA ASN A 100 9.83 5.75 -11.00
C ASN A 100 8.30 5.87 -10.99
N ASN A 101 7.76 6.80 -10.20
CA ASN A 101 6.32 6.81 -9.88
C ASN A 101 5.50 7.38 -11.04
N LEU A 102 5.89 8.53 -11.61
CA LEU A 102 5.12 9.15 -12.71
C LEU A 102 5.31 8.36 -14.00
N TYR A 103 6.53 7.93 -14.32
CA TYR A 103 6.73 7.34 -15.62
C TYR A 103 6.23 5.89 -15.64
N SER A 104 6.32 5.15 -14.53
CA SER A 104 5.68 3.83 -14.50
C SER A 104 4.22 3.98 -14.90
N THR A 105 3.53 4.98 -14.33
CA THR A 105 2.12 5.15 -14.53
C THR A 105 1.84 5.49 -16.01
N LEU A 106 2.64 6.40 -16.59
CA LEU A 106 2.47 6.85 -17.94
C LEU A 106 2.72 5.71 -18.96
N VAL A 107 3.76 4.90 -18.75
CA VAL A 107 3.99 3.77 -19.69
C VAL A 107 2.82 2.79 -19.57
N LEU A 108 2.38 2.52 -18.33
CA LEU A 108 1.22 1.62 -18.10
C LEU A 108 -0.01 2.14 -18.85
N LEU A 109 -0.34 3.42 -18.69
CA LEU A 109 -1.51 3.96 -19.29
C LEU A 109 -1.41 3.95 -20.83
N LYS A 110 -0.23 4.26 -21.40
CA LYS A 110 -0.04 4.22 -22.83
C LYS A 110 -0.37 2.83 -23.37
N VAL A 111 0.09 1.78 -22.68
CA VAL A 111 -0.08 0.42 -23.17
C VAL A 111 -1.56 -0.02 -22.95
N MET A 112 -2.13 0.34 -21.80
CA MET A 112 -3.52 0.06 -21.53
C MET A 112 -4.42 0.66 -22.63
N LYS A 113 -4.21 1.95 -22.94
CA LYS A 113 -4.99 2.61 -23.95
C LYS A 113 -4.91 1.85 -25.28
N LYS A 114 -3.70 1.47 -25.68
CA LYS A 114 -3.42 0.75 -26.93
C LYS A 114 -4.21 -0.58 -27.02
N HIS A 115 -4.50 -1.22 -25.87
CA HIS A 115 -5.25 -2.51 -25.86
C HIS A 115 -6.70 -2.31 -25.40
N ASN A 116 -7.14 -1.05 -25.27
CA ASN A 116 -8.45 -0.75 -24.73
C ASN A 116 -8.75 -1.47 -23.43
N VAL A 117 -7.75 -1.59 -22.53
CA VAL A 117 -8.02 -2.01 -21.14
C VAL A 117 -8.19 -0.72 -20.33
N LYS A 118 -9.37 -0.54 -19.75
CA LYS A 118 -9.77 0.78 -19.29
C LYS A 118 -10.37 0.73 -17.88
N LYS A 119 -9.87 -0.20 -17.07
CA LYS A 119 -10.26 -0.31 -15.69
C LYS A 119 -9.00 -0.41 -14.84
N ILE A 120 -8.83 0.56 -13.95
CA ILE A 120 -7.64 0.65 -13.12
C ILE A 120 -8.08 1.00 -11.70
N ILE A 121 -7.43 0.32 -10.73
CA ILE A 121 -7.29 0.71 -9.36
C ILE A 121 -5.87 1.23 -9.15
N PHE A 122 -5.80 2.50 -8.72
CA PHE A 122 -4.55 3.14 -8.36
C PHE A 122 -4.38 3.16 -6.84
N SER A 123 -3.21 2.70 -6.42
CA SER A 123 -2.73 2.72 -5.07
C SER A 123 -2.34 4.17 -4.68
N SER A 124 -3.31 4.96 -4.26
CA SER A 124 -3.04 6.28 -3.72
C SER A 124 -2.90 6.19 -2.20
N SER A 125 -2.87 7.33 -1.53
CA SER A 125 -2.23 7.46 -0.25
C SER A 125 -2.86 8.61 0.52
N ALA A 126 -3.00 8.43 1.84
CA ALA A 126 -3.37 9.55 2.73
C ALA A 126 -2.40 10.74 2.58
N THR A 127 -1.21 10.51 2.00
CA THR A 127 -0.25 11.64 1.87
C THR A 127 -0.80 12.74 0.95
N VAL A 128 -1.78 12.43 0.11
CA VAL A 128 -2.32 13.43 -0.83
C VAL A 128 -3.01 14.58 -0.08
N TYR A 129 -3.39 14.34 1.19
CA TYR A 129 -4.09 15.33 1.99
C TYR A 129 -3.13 16.32 2.64
N GLY A 130 -1.82 16.07 2.49
CA GLY A 130 -0.79 16.91 3.10
C GLY A 130 -1.02 16.98 4.61
N THR A 131 -0.95 18.21 5.16
CA THR A 131 -1.38 18.50 6.49
C THR A 131 -2.90 18.55 6.50
N PRO A 132 -3.62 17.60 7.14
CA PRO A 132 -5.06 17.44 6.92
C PRO A 132 -5.84 18.70 7.32
N LYS A 133 -6.70 19.19 6.43
CA LYS A 133 -7.53 20.37 6.71
C LYS A 133 -8.61 20.00 7.76
N GLU A 134 -8.89 18.72 7.93
CA GLU A 134 -9.80 18.29 8.96
C GLU A 134 -9.49 16.83 9.29
N LEU A 135 -9.94 16.43 10.47
CA LEU A 135 -9.76 15.08 11.04
C LEU A 135 -11.09 14.66 11.66
N PRO A 136 -11.62 13.47 11.37
CA PRO A 136 -11.03 12.51 10.45
C PRO A 136 -11.18 12.99 9.01
N ILE A 137 -10.40 12.38 8.11
CA ILE A 137 -10.34 12.83 6.72
C ILE A 137 -11.40 12.06 5.92
N THR A 138 -12.20 12.79 5.12
CA THR A 138 -13.17 12.19 4.22
C THR A 138 -12.72 12.48 2.78
N GLU A 139 -13.41 11.89 1.80
CA GLU A 139 -13.05 12.11 0.38
C GLU A 139 -13.43 13.54 -0.05
N GLU A 140 -14.08 14.30 0.82
CA GLU A 140 -14.38 15.70 0.57
C GLU A 140 -13.29 16.59 1.16
N THR A 141 -12.40 16.06 2.01
CA THR A 141 -11.34 16.90 2.52
C THR A 141 -10.46 17.35 1.34
N PRO A 142 -10.13 18.65 1.24
CA PRO A 142 -9.30 19.12 0.15
C PRO A 142 -7.93 18.43 0.15
N THR A 143 -7.44 18.09 -1.05
CA THR A 143 -6.10 17.54 -1.23
C THR A 143 -5.11 18.68 -1.46
N GLY A 144 -3.81 18.38 -1.52
CA GLY A 144 -2.80 19.41 -1.73
C GLY A 144 -2.02 19.74 -0.47
N GLY A 145 -1.10 20.70 -0.61
CA GLY A 145 -0.17 21.01 0.45
C GLY A 145 0.66 19.80 0.81
N THR A 146 1.00 18.98 -0.18
CA THR A 146 1.80 17.79 0.11
C THR A 146 3.19 18.20 0.62
N THR A 147 3.77 17.38 1.48
CA THR A 147 4.92 17.76 2.27
C THR A 147 6.21 17.06 1.83
N ASN A 148 6.13 16.22 0.80
CA ASN A 148 7.22 15.39 0.37
C ASN A 148 6.94 14.91 -1.05
N PRO A 149 7.98 14.71 -1.90
CA PRO A 149 7.80 14.32 -3.28
C PRO A 149 7.02 13.01 -3.45
N TYR A 150 7.14 12.09 -2.50
CA TYR A 150 6.34 10.85 -2.64
C TYR A 150 4.85 11.25 -2.68
N GLY A 151 4.38 11.96 -1.65
CA GLY A 151 2.98 12.39 -1.57
C GLY A 151 2.58 13.20 -2.79
N THR A 152 3.47 14.12 -3.22
CA THR A 152 3.23 14.91 -4.37
C THR A 152 3.04 13.99 -5.57
N SER A 153 3.93 13.00 -5.71
CA SER A 153 3.83 12.12 -6.89
C SER A 153 2.47 11.42 -6.90
N LYS A 154 1.96 11.02 -5.72
CA LYS A 154 0.65 10.34 -5.67
C LYS A 154 -0.46 11.30 -6.13
N LEU A 155 -0.44 12.55 -5.65
CA LEU A 155 -1.48 13.55 -6.05
C LEU A 155 -1.39 13.86 -7.55
N PHE A 156 -0.17 13.92 -8.09
CA PHE A 156 0.03 14.15 -9.52
C PHE A 156 -0.57 13.00 -10.34
N GLN A 157 -0.32 11.79 -9.88
CA GLN A 157 -0.83 10.61 -10.57
C GLN A 157 -2.37 10.59 -10.55
N GLU A 158 -2.97 10.97 -9.42
CA GLU A 158 -4.44 11.00 -9.36
C GLU A 158 -4.97 11.93 -10.45
N GLN A 159 -4.31 13.09 -10.61
CA GLN A 159 -4.79 14.11 -11.56
C GLN A 159 -4.63 13.58 -12.98
N ILE A 160 -3.51 12.89 -13.24
CA ILE A 160 -3.23 12.33 -14.56
C ILE A 160 -4.38 11.37 -14.90
N LEU A 161 -4.73 10.51 -13.96
CA LEU A 161 -5.80 9.52 -14.16
C LEU A 161 -7.16 10.20 -14.39
N ARG A 162 -7.46 11.25 -13.62
CA ARG A 162 -8.69 12.01 -13.83
C ARG A 162 -8.71 12.56 -15.25
N ASP A 163 -7.56 13.06 -15.71
CA ASP A 163 -7.45 13.64 -17.08
C ASP A 163 -7.66 12.59 -18.17
N VAL A 164 -7.26 11.33 -17.89
CA VAL A 164 -7.56 10.22 -18.81
C VAL A 164 -9.07 10.07 -19.02
N HIS A 165 -9.84 10.07 -17.91
CA HIS A 165 -11.30 9.94 -17.96
C HIS A 165 -11.95 11.14 -18.66
N VAL A 166 -11.46 12.37 -18.38
CA VAL A 166 -11.91 13.53 -19.16
C VAL A 166 -11.74 13.29 -20.67
N ALA A 167 -10.57 12.84 -21.11
CA ALA A 167 -10.30 12.58 -22.53
C ALA A 167 -11.03 11.35 -23.08
N ASP A 168 -11.43 10.42 -22.20
CA ASP A 168 -12.09 9.17 -22.61
C ASP A 168 -12.93 8.64 -21.45
N PRO A 169 -14.18 9.11 -21.31
CA PRO A 169 -15.01 8.70 -20.19
C PRO A 169 -15.59 7.28 -20.30
N SER A 170 -15.03 6.42 -21.14
CA SER A 170 -15.32 4.99 -21.06
C SER A 170 -14.43 4.31 -19.99
N TRP A 171 -13.53 5.08 -19.38
CA TRP A 171 -12.66 4.55 -18.31
C TRP A 171 -13.40 4.42 -16.98
N THR A 172 -12.98 3.40 -16.24
CA THR A 172 -13.25 3.22 -14.83
C THR A 172 -11.94 3.44 -14.09
N ILE A 173 -11.87 4.52 -13.31
CA ILE A 173 -10.72 4.86 -12.51
C ILE A 173 -11.11 4.89 -11.02
N VAL A 174 -10.44 4.06 -10.24
CA VAL A 174 -10.65 3.98 -8.84
C VAL A 174 -9.37 4.37 -8.12
N LEU A 175 -9.45 5.53 -7.46
CA LEU A 175 -8.41 6.06 -6.63
C LEU A 175 -8.65 5.66 -5.18
N LEU A 176 -7.87 4.68 -4.71
CA LEU A 176 -7.88 4.16 -3.36
C LEU A 176 -6.78 4.84 -2.55
N ARG A 177 -7.18 5.68 -1.59
CA ARG A 177 -6.21 6.40 -0.76
C ARG A 177 -6.00 5.56 0.49
N TYR A 178 -4.98 4.70 0.48
CA TYR A 178 -4.74 3.83 1.63
C TYR A 178 -4.15 4.68 2.74
N PHE A 179 -4.49 4.34 4.00
CA PHE A 179 -3.83 4.86 5.21
C PHE A 179 -2.58 3.98 5.43
N ASN A 180 -2.38 3.46 6.63
CA ASN A 180 -1.10 2.75 6.93
C ASN A 180 -1.28 1.25 7.13
N PRO A 181 -1.21 0.42 6.08
CA PRO A 181 -1.30 -1.03 6.23
C PRO A 181 -0.15 -1.64 7.05
N VAL A 182 -0.51 -2.60 7.90
CA VAL A 182 0.33 -3.31 8.82
C VAL A 182 -0.15 -4.76 8.85
N GLY A 183 0.72 -5.67 9.22
CA GLY A 183 0.30 -6.99 9.54
C GLY A 183 0.71 -7.99 8.49
N ALA A 184 0.17 -9.21 8.62
CA ALA A 184 0.51 -10.37 7.76
C ALA A 184 -0.68 -11.33 7.66
N HIS A 185 -0.61 -12.16 6.62
CA HIS A 185 -1.57 -13.22 6.37
C HIS A 185 -1.57 -14.15 7.59
N GLU A 186 -2.75 -14.60 8.02
CA GLU A 186 -2.82 -15.43 9.25
C GLU A 186 -1.88 -16.65 9.16
N SER A 187 -1.58 -17.16 7.97
CA SER A 187 -0.78 -18.41 7.85
C SER A 187 0.64 -18.24 8.42
N GLY A 188 1.12 -17.00 8.46
CA GLY A 188 2.51 -16.72 8.76
C GLY A 188 3.46 -17.11 7.64
N LEU A 189 2.95 -17.40 6.45
CA LEU A 189 3.82 -17.79 5.30
C LEU A 189 4.27 -16.58 4.46
N LEU A 190 3.67 -15.44 4.72
CA LEU A 190 3.85 -14.24 3.96
C LEU A 190 3.69 -13.03 4.89
N GLY A 191 4.49 -11.99 4.64
CA GLY A 191 4.35 -10.71 5.33
C GLY A 191 5.24 -9.66 4.71
N GLU A 192 5.41 -8.55 5.44
CA GLU A 192 6.18 -7.45 4.94
C GLU A 192 7.66 -7.81 5.00
N ASP A 193 8.29 -7.79 3.81
CA ASP A 193 9.70 -8.12 3.67
C ASP A 193 10.40 -7.12 2.74
N PRO A 194 10.67 -5.87 3.18
CA PRO A 194 11.36 -4.91 2.31
C PRO A 194 12.80 -5.38 2.10
N LYS A 195 13.48 -4.81 1.09
CA LYS A 195 14.94 -4.96 0.96
C LYS A 195 15.63 -3.84 1.74
N GLY A 196 16.71 -4.20 2.45
CA GLY A 196 17.39 -3.26 3.33
C GLY A 196 16.62 -3.10 4.63
N ILE A 197 17.03 -2.09 5.40
CA ILE A 197 16.40 -1.74 6.66
C ILE A 197 15.00 -1.24 6.29
N PRO A 198 13.93 -1.64 7.00
CA PRO A 198 12.60 -1.10 6.71
C PRO A 198 12.56 0.41 6.93
N ALA A 199 11.91 1.10 5.99
CA ALA A 199 11.67 2.51 6.07
C ALA A 199 10.39 2.80 6.89
N ASN A 200 9.46 1.84 6.94
CA ASN A 200 8.21 2.09 7.71
C ASN A 200 8.33 1.51 9.12
N LEU A 201 7.41 1.95 9.99
CA LEU A 201 7.45 1.71 11.40
C LEU A 201 7.32 0.21 11.75
N THR A 202 6.22 -0.46 11.35
CA THR A 202 5.89 -1.75 12.02
C THR A 202 6.85 -2.87 11.63
N PRO A 203 7.35 -3.00 10.39
CA PRO A 203 8.35 -4.04 10.11
C PRO A 203 9.62 -3.81 10.94
N TYR A 204 9.94 -2.54 11.22
CA TYR A 204 11.13 -2.25 11.99
C TYR A 204 10.89 -2.67 13.45
N VAL A 205 9.75 -2.27 13.99
CA VAL A 205 9.31 -2.72 15.32
C VAL A 205 9.31 -4.25 15.41
N ALA A 206 8.79 -4.94 14.40
CA ALA A 206 8.75 -6.42 14.43
C ALA A 206 10.17 -7.00 14.49
N LYS A 207 11.08 -6.45 13.69
CA LYS A 207 12.43 -6.94 13.65
C LYS A 207 13.15 -6.70 15.01
N VAL A 208 12.91 -5.57 15.65
CA VAL A 208 13.50 -5.33 16.93
C VAL A 208 12.96 -6.35 17.94
N ALA A 209 11.65 -6.56 17.95
CA ALA A 209 11.00 -7.48 18.86
C ALA A 209 11.60 -8.91 18.75
N VAL A 210 12.02 -9.34 17.56
CA VAL A 210 12.54 -10.74 17.44
C VAL A 210 14.07 -10.73 17.46
N GLY A 211 14.70 -9.57 17.72
CA GLY A 211 16.13 -9.47 17.91
C GLY A 211 16.92 -9.33 16.62
N GLU A 212 16.26 -9.02 15.49
CA GLU A 212 16.98 -8.85 14.22
C GLU A 212 17.57 -7.43 14.10
N LEU A 213 16.95 -6.43 14.74
CA LEU A 213 17.43 -5.07 14.80
C LEU A 213 17.50 -4.68 16.27
N LYS A 214 18.28 -3.64 16.56
CA LYS A 214 18.64 -3.33 17.89
C LYS A 214 17.60 -2.45 18.61
N GLU A 215 17.11 -1.40 17.95
CA GLU A 215 16.43 -0.31 18.64
C GLU A 215 15.47 0.40 17.67
N VAL A 216 14.20 0.55 18.08
CA VAL A 216 13.22 1.33 17.33
C VAL A 216 13.63 2.81 17.40
N GLN A 217 13.73 3.43 16.21
CA GLN A 217 14.05 4.82 16.07
C GLN A 217 12.73 5.56 15.94
N VAL A 218 12.40 6.38 16.93
CA VAL A 218 11.17 7.07 16.93
C VAL A 218 11.40 8.50 16.47
N TYR A 219 10.83 8.88 15.31
CA TYR A 219 11.19 10.13 14.61
C TYR A 219 10.32 11.28 15.10
N GLY A 220 10.78 11.94 16.16
CA GLY A 220 10.16 13.16 16.65
C GLY A 220 9.22 12.86 17.82
N ASP A 221 9.32 13.68 18.87
CA ASP A 221 8.41 13.58 20.01
C ASP A 221 7.84 14.97 20.32
N ASP A 222 7.93 15.90 19.36
CA ASP A 222 7.47 17.27 19.61
C ASP A 222 6.32 17.64 18.64
N TYR A 223 5.60 16.64 18.13
CA TYR A 223 4.36 16.91 17.36
C TYR A 223 3.18 17.26 18.27
N ASP A 224 2.20 17.98 17.71
CA ASP A 224 0.99 18.40 18.41
C ASP A 224 0.03 17.21 18.49
N THR A 225 0.40 16.22 19.29
CA THR A 225 -0.34 15.00 19.49
C THR A 225 -0.22 14.71 20.97
N PRO A 226 -1.08 13.85 21.55
CA PRO A 226 -1.09 13.64 23.01
C PRO A 226 0.21 13.19 23.65
N ASP A 227 1.04 12.39 22.95
CA ASP A 227 2.28 11.96 23.48
C ASP A 227 3.43 12.56 22.65
N GLY A 228 3.14 13.40 21.66
CA GLY A 228 4.19 14.10 20.91
C GLY A 228 4.73 13.29 19.72
N THR A 229 4.45 11.97 19.65
CA THR A 229 4.85 11.22 18.44
C THR A 229 3.74 11.23 17.38
N GLY A 230 4.12 10.84 16.15
CA GLY A 230 3.19 10.88 15.01
C GLY A 230 2.03 9.94 15.22
N VAL A 231 0.87 10.32 14.68
CA VAL A 231 -0.38 9.55 14.81
C VAL A 231 -0.84 9.15 13.40
N ARG A 232 -1.16 7.85 13.22
CA ARG A 232 -1.48 7.32 11.95
C ARG A 232 -2.67 6.37 12.13
N ASP A 233 -3.47 6.22 11.07
CA ASP A 233 -4.53 5.18 11.00
C ASP A 233 -3.92 3.91 10.42
N TYR A 234 -3.66 2.93 11.28
CA TYR A 234 -3.12 1.66 10.88
C TYR A 234 -4.28 0.72 10.48
N ILE A 235 -4.10 0.00 9.38
CA ILE A 235 -5.13 -0.89 8.87
C ILE A 235 -4.46 -2.24 8.59
N HIS A 236 -5.12 -3.32 8.97
CA HIS A 236 -4.59 -4.62 8.68
C HIS A 236 -4.51 -4.84 7.18
N VAL A 237 -3.33 -5.29 6.73
CA VAL A 237 -3.09 -5.42 5.29
C VAL A 237 -4.11 -6.39 4.66
N VAL A 238 -4.62 -7.38 5.41
CA VAL A 238 -5.63 -8.30 4.87
C VAL A 238 -6.96 -7.56 4.61
N ASP A 239 -7.35 -6.66 5.52
CA ASP A 239 -8.55 -5.82 5.29
C ASP A 239 -8.33 -4.94 4.04
N LEU A 240 -7.12 -4.40 3.90
CA LEU A 240 -6.86 -3.50 2.75
C LEU A 240 -6.96 -4.29 1.45
N ALA A 241 -6.37 -5.49 1.45
CA ALA A 241 -6.47 -6.42 0.31
C ALA A 241 -7.95 -6.70 -0.05
N LYS A 242 -8.78 -6.96 0.98
CA LYS A 242 -10.18 -7.28 0.74
C LYS A 242 -10.91 -6.08 0.09
N GLY A 243 -10.48 -4.86 0.38
CA GLY A 243 -11.04 -3.66 -0.22
C GLY A 243 -10.92 -3.65 -1.74
N HIS A 244 -9.76 -4.15 -2.25
CA HIS A 244 -9.50 -4.20 -3.67
C HIS A 244 -10.51 -5.15 -4.33
N VAL A 245 -10.72 -6.32 -3.72
CA VAL A 245 -11.69 -7.31 -4.21
C VAL A 245 -13.10 -6.72 -4.23
N ALA A 246 -13.46 -5.96 -3.19
CA ALA A 246 -14.75 -5.32 -3.12
C ALA A 246 -14.94 -4.33 -4.28
N VAL A 247 -13.90 -3.58 -4.65
CA VAL A 247 -13.98 -2.67 -5.76
C VAL A 247 -14.33 -3.42 -7.05
N ILE A 248 -13.59 -4.49 -7.33
CA ILE A 248 -13.78 -5.22 -8.54
C ILE A 248 -15.12 -5.98 -8.52
N ASP A 249 -15.57 -6.48 -7.36
CA ASP A 249 -16.88 -7.12 -7.23
C ASP A 249 -18.01 -6.13 -7.55
N HIS A 250 -17.91 -4.88 -7.12
CA HIS A 250 -19.06 -3.97 -7.11
C HIS A 250 -19.01 -2.86 -8.19
N ILE A 251 -17.83 -2.50 -8.70
CA ILE A 251 -17.77 -1.36 -9.63
C ILE A 251 -17.57 -1.90 -11.06
N ASP A 252 -18.64 -1.81 -11.82
CA ASP A 252 -18.53 -2.10 -13.22
C ASP A 252 -19.24 -1.00 -13.99
N LYS A 253 -18.81 0.23 -13.75
CA LYS A 253 -19.25 1.30 -14.53
C LYS A 253 -18.13 2.33 -14.72
N GLU A 254 -18.40 3.23 -15.64
CA GLU A 254 -17.46 4.23 -16.06
C GLU A 254 -17.46 5.30 -14.98
N GLY A 255 -16.32 5.97 -14.85
CA GLY A 255 -16.25 7.12 -13.96
C GLY A 255 -14.97 7.09 -13.14
N VAL A 256 -14.85 8.10 -12.29
CA VAL A 256 -13.72 8.24 -11.41
C VAL A 256 -14.27 8.08 -9.99
N PHE A 257 -13.75 7.13 -9.22
CA PHE A 257 -14.26 6.88 -7.88
C PHE A 257 -13.12 6.96 -6.88
N VAL A 258 -13.37 7.66 -5.76
CA VAL A 258 -12.35 7.96 -4.76
C VAL A 258 -12.76 7.34 -3.43
N TYR A 259 -11.87 6.53 -2.83
CA TYR A 259 -12.17 5.95 -1.52
C TYR A 259 -10.95 5.98 -0.59
N ASN A 260 -11.21 6.40 0.65
CA ASN A 260 -10.25 6.26 1.74
C ASN A 260 -10.37 4.86 2.29
N LEU A 261 -9.23 4.17 2.42
CA LEU A 261 -9.22 2.86 3.04
C LEU A 261 -8.36 2.96 4.30
N GLY A 262 -9.06 3.10 5.43
CA GLY A 262 -8.53 3.09 6.77
C GLY A 262 -9.61 2.62 7.76
N THR A 263 -9.28 2.71 9.05
CA THR A 263 -10.08 2.12 10.14
C THR A 263 -10.81 3.23 10.87
N GLY A 264 -10.28 4.45 10.83
CA GLY A 264 -10.77 5.53 11.68
C GLY A 264 -10.11 5.57 13.05
N HIS A 265 -9.34 4.55 13.43
CA HIS A 265 -8.59 4.58 14.71
C HIS A 265 -7.16 5.10 14.50
N GLY A 266 -6.80 6.15 15.24
CA GLY A 266 -5.45 6.69 15.20
C GLY A 266 -4.61 6.22 16.38
N TYR A 267 -3.37 5.75 16.11
CA TYR A 267 -2.39 5.34 17.13
C TYR A 267 -1.09 6.13 16.95
N SER A 268 -0.49 6.53 18.08
CA SER A 268 0.83 7.15 18.13
C SER A 268 1.88 6.06 17.93
N VAL A 269 3.10 6.52 17.64
CA VAL A 269 4.21 5.63 17.45
C VAL A 269 4.41 4.78 18.72
N LEU A 270 4.37 5.43 19.89
CA LEU A 270 4.56 4.77 21.21
C LEU A 270 3.42 3.75 21.46
N GLU A 271 2.20 4.09 21.01
CA GLU A 271 1.06 3.16 21.20
C GLU A 271 1.26 1.93 20.30
N VAL A 272 1.87 2.09 19.11
CA VAL A 272 2.18 0.95 18.23
C VAL A 272 3.21 0.09 18.93
N ILE A 273 4.27 0.73 19.47
CA ILE A 273 5.28 -0.03 20.19
C ILE A 273 4.62 -0.83 21.32
N LYS A 274 3.70 -0.24 22.05
CA LYS A 274 3.07 -0.92 23.17
C LYS A 274 2.26 -2.13 22.69
N ALA A 275 1.54 -1.95 21.57
CA ALA A 275 0.78 -3.03 20.98
C ALA A 275 1.68 -4.21 20.67
N TYR A 276 2.87 -3.96 20.11
CA TYR A 276 3.81 -5.01 19.80
C TYR A 276 4.37 -5.63 21.10
N GLU A 277 4.61 -4.81 22.13
CA GLU A 277 5.15 -5.29 23.42
C GLU A 277 4.15 -6.26 24.09
N LYS A 278 2.86 -5.94 23.95
CA LYS A 278 1.81 -6.80 24.47
C LYS A 278 1.82 -8.11 23.69
N ALA A 279 2.01 -8.03 22.37
CA ALA A 279 2.03 -9.21 21.53
C ALA A 279 3.29 -10.06 21.81
N ALA A 280 4.42 -9.41 22.05
CA ALA A 280 5.68 -10.15 22.23
C ALA A 280 5.83 -10.71 23.65
N GLY A 281 5.27 -9.99 24.61
CA GLY A 281 5.39 -10.30 26.00
C GLY A 281 6.66 -9.77 26.61
N HIS A 282 7.28 -8.73 26.04
CA HIS A 282 8.49 -8.11 26.61
C HIS A 282 8.73 -6.70 26.06
N PRO A 283 9.58 -5.88 26.73
CA PRO A 283 9.90 -4.55 26.20
C PRO A 283 10.55 -4.65 24.80
N ILE A 284 10.24 -3.67 23.96
CA ILE A 284 10.84 -3.47 22.69
C ILE A 284 11.59 -2.13 22.76
N PRO A 285 12.93 -2.18 22.75
CA PRO A 285 13.73 -1.00 22.97
C PRO A 285 13.48 0.03 21.87
N TYR A 286 13.36 1.28 22.30
CA TYR A 286 13.20 2.39 21.43
C TYR A 286 14.03 3.58 21.94
N ALA A 287 14.29 4.53 21.04
CA ALA A 287 14.96 5.79 21.32
C ALA A 287 14.27 6.91 20.55
N ILE A 288 14.12 8.07 21.20
CA ILE A 288 13.61 9.27 20.56
C ILE A 288 14.72 9.87 19.69
N LYS A 289 14.37 10.12 18.44
CA LYS A 289 15.28 10.68 17.42
C LYS A 289 14.67 11.95 16.84
N PRO A 290 15.43 12.75 16.04
CA PRO A 290 14.85 13.94 15.41
C PRO A 290 13.71 13.55 14.45
N ARG A 291 12.86 14.54 14.15
CA ARG A 291 11.81 14.42 13.10
C ARG A 291 12.41 13.96 11.77
N ARG A 292 11.66 13.15 11.03
CA ARG A 292 12.00 12.74 9.65
C ARG A 292 11.40 13.78 8.71
N PRO A 293 12.19 14.30 7.72
CA PRO A 293 11.66 15.21 6.70
C PRO A 293 10.43 14.62 6.01
N GLY A 294 9.42 15.47 5.84
CA GLY A 294 8.20 15.07 5.14
C GLY A 294 7.06 14.64 6.07
N ASP A 295 7.36 14.30 7.33
CA ASP A 295 6.34 13.73 8.26
C ASP A 295 5.37 14.81 8.76
N ILE A 296 4.08 14.47 8.86
CA ILE A 296 3.10 15.34 9.50
C ILE A 296 2.78 14.73 10.85
N ALA A 297 2.06 15.49 11.67
CA ALA A 297 1.72 15.14 13.05
C ALA A 297 0.72 13.98 13.12
N ALA A 298 -0.40 14.09 12.39
CA ALA A 298 -1.56 13.25 12.65
C ALA A 298 -2.44 13.13 11.40
N CYS A 299 -2.77 11.89 10.99
CA CYS A 299 -3.80 11.67 9.95
C CYS A 299 -4.53 10.36 10.26
N TYR A 300 -5.84 10.38 10.03
CA TYR A 300 -6.66 9.18 10.15
C TYR A 300 -7.95 9.38 9.36
N ALA A 301 -8.56 8.25 9.00
CA ALA A 301 -9.55 8.17 7.94
C ALA A 301 -10.99 8.18 8.51
N ASP A 302 -11.89 8.81 7.76
CA ASP A 302 -13.33 8.40 7.71
C ASP A 302 -13.52 7.54 6.46
N ALA A 303 -13.72 6.24 6.68
CA ALA A 303 -13.85 5.27 5.58
C ALA A 303 -15.32 4.85 5.35
N SER A 304 -16.29 5.72 5.67
CA SER A 304 -17.67 5.27 5.63
C SER A 304 -18.19 5.21 4.17
N LYS A 305 -17.59 6.00 3.28
CA LYS A 305 -17.94 6.00 1.86
C LYS A 305 -17.69 4.61 1.27
N ALA A 306 -16.53 4.01 1.58
CA ALA A 306 -16.20 2.66 1.10
C ALA A 306 -17.16 1.61 1.70
N GLU A 307 -17.60 1.84 2.94
CA GLU A 307 -18.54 0.88 3.52
C GLU A 307 -19.87 0.95 2.78
N LYS A 308 -20.38 2.16 2.61
CA LYS A 308 -21.61 2.45 1.90
C LYS A 308 -21.61 1.83 0.50
N GLU A 309 -20.62 2.19 -0.34
CA GLU A 309 -20.65 1.84 -1.75
C GLU A 309 -20.06 0.45 -2.03
N LEU A 310 -19.18 -0.07 -1.17
CA LEU A 310 -18.48 -1.34 -1.51
C LEU A 310 -18.83 -2.45 -0.52
N GLY A 311 -19.62 -2.14 0.51
CA GLY A 311 -19.90 -3.10 1.57
C GLY A 311 -18.67 -3.50 2.38
N TRP A 312 -17.64 -2.65 2.43
CA TRP A 312 -16.33 -3.03 2.93
C TRP A 312 -16.07 -2.24 4.21
N LYS A 313 -15.48 -2.90 5.20
CA LYS A 313 -15.03 -2.28 6.44
C LYS A 313 -13.82 -3.04 6.98
N ALA A 314 -12.90 -2.32 7.60
CA ALA A 314 -11.73 -2.94 8.21
C ALA A 314 -12.17 -3.46 9.59
N GLU A 315 -12.05 -4.77 9.83
CA GLU A 315 -12.48 -5.38 11.09
C GLU A 315 -11.28 -5.60 12.02
N LEU A 316 -10.13 -5.94 11.44
CA LEU A 316 -9.00 -6.40 12.26
C LEU A 316 -8.43 -5.24 13.09
N THR A 317 -8.05 -5.57 14.33
CA THR A 317 -7.60 -4.55 15.30
C THR A 317 -6.07 -4.41 15.32
N ILE A 318 -5.57 -3.40 16.01
CA ILE A 318 -4.11 -3.17 16.18
C ILE A 318 -3.46 -4.37 16.85
N ASP A 319 -4.21 -5.13 17.68
CA ASP A 319 -3.65 -6.37 18.28
C ASP A 319 -3.47 -7.45 17.22
N ASP A 320 -4.45 -7.60 16.31
CA ASP A 320 -4.38 -8.56 15.19
C ASP A 320 -3.20 -8.22 14.29
N MET A 321 -3.05 -6.92 14.03
CA MET A 321 -1.97 -6.40 13.20
C MET A 321 -0.64 -6.78 13.84
N ALA A 322 -0.52 -6.44 15.13
CA ALA A 322 0.78 -6.75 15.82
C ALA A 322 1.05 -8.25 15.92
N ALA A 323 0.06 -9.06 16.35
CA ALA A 323 0.24 -10.50 16.49
C ALA A 323 0.64 -11.14 15.15
N SER A 324 -0.07 -10.79 14.07
CA SER A 324 0.16 -11.41 12.78
C SER A 324 1.54 -11.01 12.24
N SER A 325 1.93 -9.75 12.45
CA SER A 325 3.23 -9.25 12.06
C SER A 325 4.31 -10.05 12.78
N LEU A 326 4.10 -10.25 14.08
CA LEU A 326 5.09 -10.87 14.95
C LEU A 326 5.18 -12.37 14.65
N ASN A 327 4.03 -12.99 14.32
CA ASN A 327 3.96 -14.41 13.90
C ASN A 327 4.80 -14.59 12.62
N TRP A 328 4.61 -13.68 11.66
CA TRP A 328 5.38 -13.74 10.40
C TRP A 328 6.88 -13.55 10.68
N GLN A 329 7.21 -12.59 11.53
CA GLN A 329 8.61 -12.23 11.67
C GLN A 329 9.36 -13.26 12.52
N THR A 330 8.64 -13.92 13.43
CA THR A 330 9.18 -14.99 14.26
C THR A 330 9.50 -16.20 13.37
N LYS A 331 8.55 -16.57 12.50
CA LYS A 331 8.74 -17.74 11.63
C LYS A 331 9.76 -17.41 10.53
N ASN A 332 9.94 -16.14 10.18
CA ASN A 332 10.77 -15.75 9.05
C ASN A 332 11.57 -14.51 9.45
N PRO A 333 12.54 -14.66 10.38
CA PRO A 333 13.24 -13.51 10.97
C PRO A 333 14.03 -12.65 9.96
N ASN A 334 14.58 -13.30 8.93
CA ASN A 334 15.20 -12.58 7.78
C ASN A 334 14.25 -12.42 6.60
N GLY A 335 12.93 -12.56 6.81
CA GLY A 335 11.98 -12.62 5.70
C GLY A 335 12.25 -13.80 4.78
N PHE A 336 12.35 -13.56 3.46
CA PHE A 336 12.36 -14.63 2.45
C PHE A 336 13.79 -14.97 1.98
#